data_1WG8
#
_entry.id   1WG8
#
_cell.length_a   68.054
_cell.length_b   88.909
_cell.length_c   104.130
_cell.angle_alpha   90.00
_cell.angle_beta   90.00
_cell.angle_gamma   90.00
#
_symmetry.space_group_name_H-M   'P 21 21 21'
#
loop_
_entity.id
_entity.type
_entity.pdbx_description
1 polymer 'predicted S-adenosylmethionine-dependent methyltransferase'
2 non-polymer S-ADENOSYLMETHIONINE
3 water water
#
_entity_poly.entity_id   1
_entity_poly.type   'polypeptide(L)'
_entity_poly.pdbx_seq_one_letter_code
;MRPMTHVPVLYQEALDLLAVRPGGVYVDATLGGAGHARGILERGGRVIGLDQDPEAVARAKGLHLPGLTVVQGNFRHLKR
HLAALGVERVDGILADLGVSSFHLDDPSRGFSYQKEGPLDMRMGLEGPTAKEVVNRLPLEALARLLRELGEEPQAYRIAR
AIVAAREKAPIETTTQLAEIVRKAVGFRRAGHPARKTFQALRIYVNDELNALKEFLEQAAEVLAPGGRLVVIAFHSLEDR
VVKRFLRESGLKVLTKKPLVPSEKEAAQNPRARSAKLRAAEKEAP
;
_entity_poly.pdbx_strand_id   A,B
#
# COMPACT_ATOMS: atom_id res chain seq x y z
N MET A 4 23.81 7.66 9.03
CA MET A 4 25.12 8.26 9.42
C MET A 4 26.27 7.61 8.65
N THR A 5 25.95 6.59 7.86
CA THR A 5 26.92 5.87 7.03
C THR A 5 26.15 5.25 5.88
N HIS A 6 25.02 4.65 6.22
CA HIS A 6 24.13 4.00 5.26
C HIS A 6 24.62 2.69 4.68
N VAL A 7 24.08 1.59 5.21
CA VAL A 7 24.41 0.25 4.76
C VAL A 7 23.86 0.12 3.35
N PRO A 8 24.62 -0.51 2.42
CA PRO A 8 24.10 -0.64 1.06
C PRO A 8 22.70 -1.25 1.12
N VAL A 9 21.82 -0.83 0.23
CA VAL A 9 20.45 -1.35 0.21
C VAL A 9 20.43 -2.87 -0.01
N LEU A 10 19.63 -3.57 0.79
CA LEU A 10 19.47 -5.03 0.72
C LEU A 10 20.79 -5.77 0.56
N TYR A 11 21.75 -5.36 1.37
CA TYR A 11 23.08 -5.93 1.34
C TYR A 11 23.18 -7.44 1.45
N GLN A 12 22.65 -8.02 2.53
CA GLN A 12 22.70 -9.46 2.75
C GLN A 12 21.91 -10.23 1.73
N GLU A 13 20.75 -9.69 1.35
CA GLU A 13 19.89 -10.34 0.38
C GLU A 13 20.58 -10.42 -0.98
N ALA A 14 21.16 -9.30 -1.41
CA ALA A 14 21.85 -9.22 -2.71
C ALA A 14 23.02 -10.20 -2.72
N LEU A 15 23.90 -10.10 -1.72
CA LEU A 15 25.05 -10.98 -1.62
C LEU A 15 24.70 -12.47 -1.54
N ASP A 16 23.69 -12.83 -0.76
CA ASP A 16 23.28 -14.23 -0.66
C ASP A 16 22.84 -14.74 -2.04
N LEU A 17 22.07 -13.92 -2.75
CA LEU A 17 21.57 -14.26 -4.09
C LEU A 17 22.73 -14.38 -5.10
N LEU A 18 23.80 -13.63 -4.89
CA LEU A 18 24.96 -13.71 -5.78
C LEU A 18 25.71 -15.02 -5.54
N ALA A 19 25.51 -15.61 -4.35
CA ALA A 19 26.15 -16.87 -4.01
C ALA A 19 27.64 -16.81 -4.32
N VAL A 20 28.32 -15.83 -3.74
CA VAL A 20 29.75 -15.67 -3.96
C VAL A 20 30.57 -16.88 -3.49
N ARG A 21 31.58 -17.25 -4.25
CA ARG A 21 32.44 -18.35 -3.84
C ARG A 21 33.88 -17.88 -4.06
N PRO A 22 34.79 -18.16 -3.12
CA PRO A 22 36.18 -17.73 -3.30
C PRO A 22 36.72 -18.11 -4.66
N GLY A 23 37.42 -17.17 -5.28
CA GLY A 23 37.99 -17.43 -6.59
C GLY A 23 37.09 -16.98 -7.72
N GLY A 24 35.79 -16.82 -7.44
CA GLY A 24 34.86 -16.42 -8.46
C GLY A 24 35.06 -14.95 -8.88
N VAL A 25 34.60 -14.61 -10.08
CA VAL A 25 34.73 -13.24 -10.58
C VAL A 25 33.32 -12.65 -10.71
N TYR A 26 33.10 -11.52 -10.05
CA TYR A 26 31.79 -10.87 -10.06
C TYR A 26 31.84 -9.46 -10.63
N VAL A 27 30.76 -9.10 -11.30
CA VAL A 27 30.66 -7.77 -11.86
C VAL A 27 29.72 -6.97 -10.98
N ASP A 28 30.18 -5.81 -10.52
CA ASP A 28 29.33 -4.92 -9.74
C ASP A 28 29.19 -3.83 -10.80
N ALA A 29 28.08 -3.88 -11.54
CA ALA A 29 27.85 -2.96 -12.64
C ALA A 29 27.55 -1.50 -12.24
N THR A 30 27.35 -1.25 -10.95
CA THR A 30 27.02 0.09 -10.45
C THR A 30 27.81 0.25 -9.16
N LEU A 31 29.14 0.26 -9.29
CA LEU A 31 30.06 0.31 -8.15
C LEU A 31 29.74 1.35 -7.05
N GLY A 32 29.50 2.59 -7.45
CA GLY A 32 29.17 3.62 -6.48
C GLY A 32 30.25 3.83 -5.44
N GLY A 33 29.91 3.68 -4.17
CA GLY A 33 30.89 3.84 -3.12
C GLY A 33 31.50 2.50 -2.75
N ALA A 34 31.19 1.48 -3.54
CA ALA A 34 31.70 0.13 -3.34
C ALA A 34 31.16 -0.59 -2.11
N GLY A 35 29.98 -0.20 -1.64
CA GLY A 35 29.40 -0.85 -0.48
C GLY A 35 29.16 -2.34 -0.72
N HIS A 36 28.46 -2.70 -1.79
CA HIS A 36 28.22 -4.11 -2.07
C HIS A 36 29.51 -4.81 -2.48
N ALA A 37 30.34 -4.11 -3.24
CA ALA A 37 31.59 -4.68 -3.71
C ALA A 37 32.43 -5.20 -2.51
N ARG A 38 32.54 -4.38 -1.47
CA ARG A 38 33.29 -4.80 -0.28
C ARG A 38 32.78 -6.15 0.23
N GLY A 39 31.47 -6.32 0.23
CA GLY A 39 30.88 -7.58 0.68
C GLY A 39 31.28 -8.77 -0.17
N ILE A 40 31.41 -8.56 -1.48
CA ILE A 40 31.80 -9.64 -2.35
C ILE A 40 33.27 -9.96 -2.08
N LEU A 41 34.09 -8.93 -1.92
CA LEU A 41 35.50 -9.17 -1.65
C LEU A 41 35.64 -9.97 -0.36
N GLU A 42 34.91 -9.55 0.68
CA GLU A 42 34.95 -10.24 1.97
C GLU A 42 34.63 -11.72 1.85
N ARG A 43 33.77 -12.07 0.89
CA ARG A 43 33.40 -13.46 0.69
C ARG A 43 34.38 -14.20 -0.20
N GLY A 44 35.47 -13.51 -0.56
CA GLY A 44 36.50 -14.15 -1.38
C GLY A 44 36.43 -14.04 -2.88
N GLY A 45 35.43 -13.32 -3.39
CA GLY A 45 35.33 -13.18 -4.83
C GLY A 45 36.10 -11.98 -5.34
N ARG A 46 36.44 -11.99 -6.61
CA ARG A 46 37.10 -10.83 -7.17
C ARG A 46 35.98 -9.99 -7.78
N VAL A 47 36.17 -8.68 -7.86
CA VAL A 47 35.18 -7.79 -8.41
C VAL A 47 35.68 -6.88 -9.55
N ILE A 48 34.88 -6.81 -10.59
CA ILE A 48 35.14 -5.90 -11.71
C ILE A 48 34.01 -4.90 -11.48
N GLY A 49 34.37 -3.67 -11.13
CA GLY A 49 33.35 -2.69 -10.82
C GLY A 49 33.27 -1.58 -11.83
N LEU A 50 32.09 -1.36 -12.39
CA LEU A 50 31.94 -0.30 -13.37
C LEU A 50 31.15 0.86 -12.79
N ASP A 51 31.46 2.06 -13.26
CA ASP A 51 30.69 3.23 -12.87
C ASP A 51 30.99 4.31 -13.89
N GLN A 52 29.96 5.03 -14.32
CA GLN A 52 30.16 6.06 -15.31
C GLN A 52 30.43 7.41 -14.64
N ASP A 53 30.17 7.52 -13.34
CA ASP A 53 30.38 8.79 -12.64
C ASP A 53 31.86 8.95 -12.32
N PRO A 54 32.53 9.94 -12.93
CA PRO A 54 33.96 10.12 -12.65
C PRO A 54 34.27 10.30 -11.17
N GLU A 55 33.36 10.89 -10.41
CA GLU A 55 33.62 11.08 -8.99
C GLU A 55 33.56 9.75 -8.24
N ALA A 56 32.72 8.83 -8.69
CA ALA A 56 32.63 7.53 -8.04
C ALA A 56 33.89 6.73 -8.41
N VAL A 57 34.28 6.81 -9.68
CA VAL A 57 35.46 6.08 -10.10
C VAL A 57 36.66 6.55 -9.27
N ALA A 58 36.88 7.84 -9.18
CA ALA A 58 38.03 8.35 -8.42
C ALA A 58 37.99 7.85 -6.98
N ARG A 59 36.85 8.04 -6.33
CA ARG A 59 36.68 7.64 -4.94
C ARG A 59 36.95 6.14 -4.77
N ALA A 60 36.35 5.31 -5.60
CA ALA A 60 36.53 3.87 -5.53
C ALA A 60 38.00 3.47 -5.60
N LYS A 61 38.72 4.08 -6.51
CA LYS A 61 40.14 3.77 -6.66
C LYS A 61 40.92 4.21 -5.43
N GLY A 62 40.51 5.33 -4.85
CA GLY A 62 41.17 5.85 -3.66
C GLY A 62 41.03 4.92 -2.48
N LEU A 63 40.12 3.96 -2.58
CA LEU A 63 39.94 3.00 -1.51
C LEU A 63 40.99 1.87 -1.54
N HIS A 64 41.64 1.67 -2.68
CA HIS A 64 42.66 0.62 -2.85
C HIS A 64 42.25 -0.73 -2.28
N LEU A 65 41.12 -1.25 -2.73
CA LEU A 65 40.63 -2.51 -2.23
C LEU A 65 41.19 -3.65 -3.04
N PRO A 66 41.96 -4.56 -2.40
CA PRO A 66 42.53 -5.68 -3.14
C PRO A 66 41.41 -6.52 -3.77
N GLY A 67 41.64 -6.99 -4.99
CA GLY A 67 40.67 -7.83 -5.68
C GLY A 67 39.63 -7.08 -6.47
N LEU A 68 39.67 -5.75 -6.40
CA LEU A 68 38.74 -4.89 -7.11
C LEU A 68 39.38 -4.17 -8.27
N THR A 69 38.81 -4.39 -9.45
CA THR A 69 39.25 -3.73 -10.68
C THR A 69 38.15 -2.71 -11.01
N VAL A 70 38.50 -1.42 -11.02
CA VAL A 70 37.56 -0.36 -11.32
C VAL A 70 37.60 0.00 -12.81
N VAL A 71 36.43 0.03 -13.43
CA VAL A 71 36.36 0.40 -14.83
C VAL A 71 35.43 1.60 -14.95
N GLN A 72 35.94 2.67 -15.55
CA GLN A 72 35.10 3.85 -15.75
C GLN A 72 34.34 3.61 -17.04
N GLY A 73 33.01 3.61 -16.98
CA GLY A 73 32.27 3.36 -18.20
C GLY A 73 30.81 3.05 -17.97
N ASN A 74 30.05 2.92 -19.06
CA ASN A 74 28.61 2.64 -18.97
C ASN A 74 28.32 1.15 -19.03
N PHE A 75 27.47 0.66 -18.14
CA PHE A 75 27.21 -0.77 -18.17
C PHE A 75 26.51 -1.27 -19.42
N ARG A 76 26.15 -0.36 -20.32
CA ARG A 76 25.53 -0.83 -21.54
C ARG A 76 26.61 -1.34 -22.50
N HIS A 77 27.87 -1.21 -22.09
CA HIS A 77 29.02 -1.71 -22.87
C HIS A 77 29.71 -2.82 -22.06
N LEU A 78 28.93 -3.43 -21.17
CA LEU A 78 29.47 -4.49 -20.33
C LEU A 78 30.26 -5.59 -21.02
N LYS A 79 29.69 -6.21 -22.05
CA LYS A 79 30.41 -7.29 -22.72
C LYS A 79 31.73 -6.83 -23.32
N ARG A 80 31.69 -5.66 -23.96
CA ARG A 80 32.87 -5.10 -24.59
C ARG A 80 33.93 -4.81 -23.55
N HIS A 81 33.55 -4.16 -22.45
CA HIS A 81 34.54 -3.83 -21.43
C HIS A 81 35.10 -5.07 -20.71
N LEU A 82 34.28 -6.10 -20.51
CA LEU A 82 34.79 -7.29 -19.87
C LEU A 82 35.79 -7.98 -20.81
N ALA A 83 35.46 -7.96 -22.09
CA ALA A 83 36.32 -8.58 -23.10
C ALA A 83 37.67 -7.89 -23.10
N ALA A 84 37.69 -6.57 -22.87
CA ALA A 84 38.93 -5.82 -22.86
C ALA A 84 39.77 -6.12 -21.62
N LEU A 85 39.17 -6.74 -20.60
CA LEU A 85 39.88 -7.14 -19.40
C LEU A 85 40.21 -8.62 -19.52
N GLY A 86 39.95 -9.18 -20.70
CA GLY A 86 40.21 -10.58 -20.95
C GLY A 86 39.19 -11.50 -20.31
N VAL A 87 37.94 -11.05 -20.19
CA VAL A 87 36.91 -11.86 -19.53
C VAL A 87 35.70 -12.07 -20.43
N GLU A 88 35.31 -13.34 -20.63
CA GLU A 88 34.15 -13.66 -21.46
C GLU A 88 32.98 -14.21 -20.63
N ARG A 89 33.27 -14.71 -19.43
CA ARG A 89 32.25 -15.28 -18.55
C ARG A 89 32.51 -14.83 -17.13
N VAL A 90 31.45 -14.62 -16.35
CA VAL A 90 31.62 -14.22 -14.97
C VAL A 90 30.68 -15.03 -14.11
N ASP A 91 30.99 -15.15 -12.82
CA ASP A 91 30.16 -15.97 -11.94
C ASP A 91 28.91 -15.31 -11.40
N GLY A 92 28.86 -13.99 -11.48
CA GLY A 92 27.70 -13.29 -10.95
C GLY A 92 27.73 -11.83 -11.30
N ILE A 93 26.55 -11.22 -11.36
CA ILE A 93 26.48 -9.82 -11.74
C ILE A 93 25.46 -9.11 -10.88
N LEU A 94 25.86 -7.95 -10.37
CA LEU A 94 24.98 -7.13 -9.53
C LEU A 94 24.81 -5.71 -10.09
N ALA A 95 23.60 -5.16 -9.96
CA ALA A 95 23.33 -3.79 -10.38
C ALA A 95 22.37 -3.21 -9.36
N ASP A 96 22.78 -2.10 -8.74
CA ASP A 96 21.99 -1.38 -7.73
C ASP A 96 21.81 -0.04 -8.43
N LEU A 97 20.68 0.09 -9.13
CA LEU A 97 20.39 1.25 -9.99
C LEU A 97 20.18 2.60 -9.29
N GLY A 98 20.48 3.66 -10.01
CA GLY A 98 20.31 5.00 -9.47
C GLY A 98 21.56 5.85 -9.57
N VAL A 99 21.52 7.00 -8.91
CA VAL A 99 22.63 7.94 -8.90
C VAL A 99 23.55 7.64 -7.69
N SER A 100 24.74 8.20 -7.70
CA SER A 100 25.68 8.00 -6.61
C SER A 100 25.44 9.00 -5.47
N SER A 101 26.20 8.84 -4.41
CA SER A 101 26.13 9.73 -3.25
C SER A 101 26.39 11.16 -3.72
N PHE A 102 27.42 11.31 -4.54
CA PHE A 102 27.79 12.62 -5.07
C PHE A 102 26.66 13.25 -5.87
N HIS A 103 25.99 12.43 -6.67
CA HIS A 103 24.89 12.89 -7.49
C HIS A 103 23.82 13.55 -6.61
N LEU A 104 23.53 12.94 -5.47
CA LEU A 104 22.51 13.44 -4.58
C LEU A 104 22.98 14.52 -3.59
N ASP A 105 24.16 14.35 -3.03
CA ASP A 105 24.64 15.32 -2.04
C ASP A 105 25.43 16.51 -2.59
N ASP A 106 25.71 16.49 -3.89
CA ASP A 106 26.44 17.57 -4.49
C ASP A 106 25.48 18.31 -5.40
N PRO A 107 24.88 19.38 -4.90
CA PRO A 107 23.93 20.15 -5.70
C PRO A 107 24.47 20.59 -7.05
N SER A 108 25.80 20.70 -7.18
CA SER A 108 26.40 21.13 -8.43
C SER A 108 26.14 20.16 -9.58
N ARG A 109 25.77 18.93 -9.28
CA ARG A 109 25.51 17.97 -10.35
C ARG A 109 24.09 18.16 -10.92
N GLY A 110 23.30 18.99 -10.26
CA GLY A 110 21.94 19.32 -10.70
C GLY A 110 20.88 18.24 -10.71
N PHE A 111 20.96 17.31 -9.79
CA PHE A 111 20.01 16.20 -9.74
C PHE A 111 18.78 16.49 -8.87
N SER A 112 18.93 17.41 -7.93
CA SER A 112 17.88 17.72 -6.97
C SER A 112 17.00 18.93 -7.24
N TYR A 113 15.68 18.73 -7.19
CA TYR A 113 14.76 19.85 -7.40
C TYR A 113 14.71 20.74 -6.16
N GLN A 114 15.30 20.26 -5.06
CA GLN A 114 15.32 21.01 -3.80
C GLN A 114 16.58 21.83 -3.57
N LYS A 115 17.71 21.38 -4.09
CA LYS A 115 18.97 22.11 -3.88
C LYS A 115 19.41 22.82 -5.14
N GLU A 116 19.66 24.13 -5.05
CA GLU A 116 20.05 24.88 -6.23
C GLU A 116 21.36 24.39 -6.85
N GLY A 117 21.37 24.30 -8.17
CA GLY A 117 22.55 23.87 -8.91
C GLY A 117 22.20 24.01 -10.37
N PRO A 118 23.17 23.93 -11.29
CA PRO A 118 22.93 24.05 -12.73
C PRO A 118 22.19 22.79 -13.19
N LEU A 119 21.32 22.91 -14.19
CA LEU A 119 20.60 21.76 -14.71
C LEU A 119 21.54 20.92 -15.54
N ASP A 120 22.20 19.96 -14.89
CA ASP A 120 23.11 19.10 -15.61
C ASP A 120 22.45 17.72 -15.73
N MET A 121 22.39 17.01 -14.61
CA MET A 121 21.76 15.69 -14.55
C MET A 121 22.43 14.52 -15.26
N ARG A 122 23.64 14.72 -15.78
CA ARG A 122 24.33 13.60 -16.44
C ARG A 122 25.07 12.85 -15.32
N MET A 123 24.95 11.53 -15.26
CA MET A 123 25.68 10.76 -14.26
C MET A 123 27.12 10.69 -14.69
N GLY A 124 27.31 10.67 -16.00
CA GLY A 124 28.63 10.61 -16.60
C GLY A 124 28.91 11.87 -17.39
N LEU A 125 29.59 11.74 -18.51
CA LEU A 125 29.91 12.91 -19.33
C LEU A 125 29.47 12.74 -20.76
N GLU A 126 28.41 11.97 -20.94
CA GLU A 126 27.91 11.67 -22.27
C GLU A 126 26.60 12.38 -22.67
N GLY A 127 26.65 13.19 -23.72
CA GLY A 127 25.43 13.82 -24.20
C GLY A 127 25.09 15.20 -23.67
N PRO A 128 24.05 15.82 -24.23
CA PRO A 128 23.63 17.15 -23.82
C PRO A 128 23.12 17.12 -22.38
N THR A 129 23.21 18.27 -21.70
CA THR A 129 22.74 18.37 -20.31
C THR A 129 21.22 18.59 -20.26
N ALA A 130 20.64 18.47 -19.07
CA ALA A 130 19.20 18.69 -18.92
C ALA A 130 18.86 20.13 -19.33
N LYS A 131 19.81 21.04 -19.10
CA LYS A 131 19.66 22.46 -19.46
C LYS A 131 19.33 22.61 -20.97
N GLU A 132 20.11 21.94 -21.82
CA GLU A 132 19.89 21.99 -23.27
C GLU A 132 18.59 21.31 -23.69
N VAL A 133 18.24 20.23 -22.99
CA VAL A 133 17.00 19.54 -23.29
C VAL A 133 15.77 20.43 -22.99
N VAL A 134 15.71 21.03 -21.80
CA VAL A 134 14.55 21.85 -21.45
C VAL A 134 14.44 23.15 -22.22
N ASN A 135 15.58 23.70 -22.64
CA ASN A 135 15.57 24.94 -23.42
C ASN A 135 15.40 24.74 -24.93
N ARG A 136 15.66 23.53 -25.43
CA ARG A 136 15.56 23.30 -26.87
C ARG A 136 14.52 22.34 -27.43
N LEU A 137 14.07 21.34 -26.66
CA LEU A 137 13.10 20.41 -27.23
C LEU A 137 11.79 21.08 -27.61
N PRO A 138 11.23 20.73 -28.76
CA PRO A 138 9.96 21.34 -29.15
C PRO A 138 8.92 20.90 -28.13
N LEU A 139 7.88 21.70 -27.96
CA LEU A 139 6.81 21.42 -27.01
C LEU A 139 6.39 19.96 -27.05
N GLU A 140 5.99 19.50 -28.24
CA GLU A 140 5.55 18.12 -28.45
C GLU A 140 6.51 17.08 -27.89
N ALA A 141 7.80 17.22 -28.21
CA ALA A 141 8.83 16.29 -27.76
C ALA A 141 8.96 16.33 -26.23
N LEU A 142 8.91 17.56 -25.70
CA LEU A 142 9.02 17.77 -24.27
C LEU A 142 7.88 17.05 -23.55
N ALA A 143 6.65 17.25 -24.01
CA ALA A 143 5.50 16.60 -23.39
C ALA A 143 5.59 15.07 -23.49
N ARG A 144 6.05 14.54 -24.62
CA ARG A 144 6.20 13.10 -24.75
C ARG A 144 7.22 12.55 -23.73
N LEU A 145 8.34 13.25 -23.61
CA LEU A 145 9.39 12.88 -22.68
C LEU A 145 8.81 12.80 -21.24
N LEU A 146 8.11 13.85 -20.80
CA LEU A 146 7.54 13.86 -19.47
C LEU A 146 6.52 12.74 -19.29
N ARG A 147 5.65 12.59 -20.29
CA ARG A 147 4.63 11.55 -20.19
C ARG A 147 5.24 10.15 -20.15
N GLU A 148 6.09 9.86 -21.12
CA GLU A 148 6.70 8.54 -21.23
C GLU A 148 7.70 8.15 -20.17
N LEU A 149 8.58 9.07 -19.82
CA LEU A 149 9.64 8.77 -18.87
C LEU A 149 9.33 9.20 -17.43
N GLY A 150 8.35 10.09 -17.26
CA GLY A 150 7.98 10.52 -15.92
C GLY A 150 6.59 10.07 -15.51
N GLU A 151 5.85 9.46 -16.45
CA GLU A 151 4.48 9.03 -16.18
C GLU A 151 3.73 10.22 -15.61
N GLU A 152 4.02 11.38 -16.18
CA GLU A 152 3.47 12.67 -15.78
C GLU A 152 2.11 12.91 -16.43
N PRO A 153 1.02 12.92 -15.64
CA PRO A 153 -0.36 13.14 -16.15
C PRO A 153 -0.58 14.55 -16.72
N GLN A 154 0.18 15.52 -16.21
CA GLN A 154 0.04 16.89 -16.70
C GLN A 154 1.19 17.30 -17.62
N ALA A 155 1.66 16.33 -18.41
CA ALA A 155 2.79 16.55 -19.31
C ALA A 155 2.66 17.75 -20.23
N TYR A 156 1.52 17.89 -20.89
CA TYR A 156 1.38 19.02 -21.78
C TYR A 156 1.38 20.34 -21.04
N ARG A 157 0.66 20.39 -19.92
CA ARG A 157 0.58 21.63 -19.16
C ARG A 157 1.96 22.07 -18.66
N ILE A 158 2.74 21.11 -18.19
CA ILE A 158 4.08 21.43 -17.70
C ILE A 158 4.97 21.82 -18.87
N ALA A 159 4.88 21.07 -19.97
CA ALA A 159 5.71 21.38 -21.13
C ALA A 159 5.42 22.79 -21.63
N ARG A 160 4.15 23.18 -21.62
CA ARG A 160 3.77 24.50 -22.09
C ARG A 160 4.35 25.56 -21.18
N ALA A 161 4.32 25.30 -19.87
CA ALA A 161 4.86 26.26 -18.90
C ALA A 161 6.39 26.41 -19.09
N ILE A 162 7.06 25.29 -19.38
CA ILE A 162 8.51 25.30 -19.58
C ILE A 162 8.85 26.12 -20.83
N VAL A 163 8.07 25.92 -21.88
CA VAL A 163 8.27 26.68 -23.10
C VAL A 163 8.00 28.16 -22.85
N ALA A 164 6.93 28.49 -22.12
CA ALA A 164 6.61 29.89 -21.83
C ALA A 164 7.77 30.56 -21.10
N ALA A 165 8.29 29.89 -20.08
CA ALA A 165 9.39 30.44 -19.30
C ALA A 165 10.72 30.58 -20.07
N ARG A 166 11.08 29.55 -20.83
CA ARG A 166 12.33 29.57 -21.58
C ARG A 166 12.30 30.59 -22.71
N GLU A 167 11.10 30.89 -23.23
CA GLU A 167 10.98 31.90 -24.29
C GLU A 167 11.23 33.26 -23.64
N LYS A 168 11.07 33.33 -22.32
CA LYS A 168 11.29 34.56 -21.58
C LYS A 168 12.78 34.73 -21.30
N ALA A 169 13.38 33.68 -20.76
CA ALA A 169 14.81 33.68 -20.44
C ALA A 169 15.20 32.22 -20.24
N PRO A 170 16.46 31.87 -20.52
CA PRO A 170 16.92 30.48 -20.38
C PRO A 170 16.66 29.90 -18.98
N ILE A 171 16.23 28.64 -18.93
CA ILE A 171 16.01 28.00 -17.66
C ILE A 171 17.38 27.40 -17.34
N GLU A 172 17.99 27.85 -16.26
CA GLU A 172 19.32 27.39 -15.94
C GLU A 172 19.57 26.56 -14.71
N THR A 173 18.72 26.69 -13.70
CA THR A 173 18.96 25.98 -12.46
C THR A 173 17.85 25.02 -12.09
N THR A 174 18.18 24.06 -11.24
CA THR A 174 17.20 23.10 -10.77
C THR A 174 16.06 23.85 -10.08
N THR A 175 16.39 24.79 -9.21
CA THR A 175 15.33 25.49 -8.49
C THR A 175 14.44 26.35 -9.39
N GLN A 176 14.97 26.88 -10.50
CA GLN A 176 14.11 27.64 -11.39
C GLN A 176 13.13 26.66 -12.08
N LEU A 177 13.66 25.53 -12.52
CA LEU A 177 12.82 24.53 -13.20
C LEU A 177 11.77 24.02 -12.23
N ALA A 178 12.19 23.73 -11.01
CA ALA A 178 11.27 23.23 -9.98
C ALA A 178 10.13 24.20 -9.71
N GLU A 179 10.43 25.51 -9.68
CA GLU A 179 9.39 26.49 -9.41
C GLU A 179 8.47 26.58 -10.62
N ILE A 180 9.02 26.50 -11.82
CA ILE A 180 8.20 26.56 -13.02
C ILE A 180 7.20 25.39 -13.01
N VAL A 181 7.65 24.20 -12.64
CA VAL A 181 6.75 23.06 -12.62
C VAL A 181 5.77 23.18 -11.46
N ARG A 182 6.24 23.66 -10.32
CA ARG A 182 5.39 23.81 -9.14
C ARG A 182 4.23 24.75 -9.46
N LYS A 183 4.53 25.90 -10.05
CA LYS A 183 3.48 26.88 -10.40
C LYS A 183 2.49 26.29 -11.39
N ALA A 184 2.95 25.45 -12.30
CA ALA A 184 2.03 24.87 -13.29
C ALA A 184 1.15 23.75 -12.76
N VAL A 185 1.62 23.04 -11.75
CA VAL A 185 0.87 21.91 -11.22
C VAL A 185 0.13 22.21 -9.91
N GLY A 186 0.78 22.95 -9.02
CA GLY A 186 0.18 23.24 -7.73
C GLY A 186 0.35 22.06 -6.81
N PHE A 187 -0.58 21.89 -5.89
CA PHE A 187 -0.50 20.78 -4.94
C PHE A 187 -0.55 19.42 -5.58
N ARG A 188 0.26 18.51 -5.05
CA ARG A 188 0.31 17.14 -5.51
C ARG A 188 0.55 16.25 -4.29
N ARG A 189 -0.36 15.32 -4.04
CA ARG A 189 -0.25 14.44 -2.87
C ARG A 189 0.94 13.50 -2.86
N ALA A 190 1.13 12.77 -3.95
CA ALA A 190 2.20 11.80 -4.05
C ALA A 190 3.62 12.32 -3.76
N GLY A 191 3.92 13.51 -4.24
CA GLY A 191 5.25 14.07 -4.03
C GLY A 191 5.27 15.41 -4.69
N HIS A 192 6.31 16.20 -4.42
CA HIS A 192 6.43 17.54 -4.98
C HIS A 192 6.17 17.49 -6.48
N PRO A 193 5.39 18.44 -7.01
CA PRO A 193 5.09 18.44 -8.44
C PRO A 193 6.26 18.31 -9.40
N ALA A 194 7.47 18.66 -8.95
CA ALA A 194 8.62 18.61 -9.85
C ALA A 194 9.30 17.24 -9.91
N ARG A 195 8.97 16.35 -8.99
CA ARG A 195 9.61 15.03 -8.96
C ARG A 195 9.53 14.25 -10.25
N LYS A 196 8.34 14.09 -10.82
CA LYS A 196 8.24 13.32 -12.05
C LYS A 196 9.00 13.96 -13.19
N THR A 197 8.93 15.29 -13.31
CA THR A 197 9.66 16.00 -14.36
C THR A 197 11.16 15.74 -14.19
N PHE A 198 11.67 15.85 -12.96
CA PHE A 198 13.11 15.58 -12.74
C PHE A 198 13.51 14.15 -13.06
N GLN A 199 12.65 13.19 -12.70
CA GLN A 199 12.94 11.80 -12.99
C GLN A 199 13.00 11.57 -14.50
N ALA A 200 12.04 12.14 -15.23
CA ALA A 200 11.99 11.95 -16.69
C ALA A 200 13.21 12.56 -17.33
N LEU A 201 13.60 13.74 -16.88
CA LEU A 201 14.77 14.38 -17.47
C LEU A 201 16.02 13.58 -17.16
N ARG A 202 16.10 13.04 -15.95
CA ARG A 202 17.28 12.25 -15.59
C ARG A 202 17.37 10.99 -16.49
N ILE A 203 16.24 10.31 -16.66
CA ILE A 203 16.20 9.10 -17.49
C ILE A 203 16.56 9.42 -18.95
N TYR A 204 16.05 10.54 -19.44
CA TYR A 204 16.27 10.96 -20.81
C TYR A 204 17.73 11.35 -21.08
N VAL A 205 18.25 12.20 -20.22
CA VAL A 205 19.63 12.68 -20.34
C VAL A 205 20.64 11.54 -20.31
N ASN A 206 20.34 10.52 -19.51
CA ASN A 206 21.24 9.38 -19.35
C ASN A 206 20.82 8.13 -20.13
N ASP A 207 19.75 8.26 -20.92
CA ASP A 207 19.20 7.16 -21.71
C ASP A 207 19.16 5.90 -20.85
N GLU A 208 18.65 6.06 -19.64
CA GLU A 208 18.66 4.97 -18.65
C GLU A 208 17.97 3.66 -18.99
N LEU A 209 16.82 3.76 -19.63
CA LEU A 209 16.06 2.56 -19.95
C LEU A 209 16.73 1.74 -21.05
N ASN A 210 17.20 2.39 -22.11
CA ASN A 210 17.84 1.60 -23.16
C ASN A 210 19.19 1.05 -22.64
N ALA A 211 19.93 1.86 -21.89
CA ALA A 211 21.20 1.40 -21.35
C ALA A 211 20.93 0.14 -20.51
N LEU A 212 19.86 0.18 -19.72
CA LEU A 212 19.50 -0.94 -18.85
C LEU A 212 19.18 -2.20 -19.66
N LYS A 213 18.34 -2.07 -20.67
CA LYS A 213 17.97 -3.20 -21.52
C LYS A 213 19.20 -3.83 -22.20
N GLU A 214 20.13 -2.99 -22.64
CA GLU A 214 21.34 -3.51 -23.26
C GLU A 214 22.21 -4.22 -22.22
N PHE A 215 22.38 -3.60 -21.05
CA PHE A 215 23.19 -4.23 -19.99
C PHE A 215 22.58 -5.59 -19.63
N LEU A 216 21.26 -5.63 -19.43
CA LEU A 216 20.60 -6.88 -19.04
C LEU A 216 20.86 -8.06 -20.03
N GLU A 217 20.73 -7.81 -21.33
CA GLU A 217 20.96 -8.88 -22.30
C GLU A 217 22.43 -9.29 -22.39
N GLN A 218 23.33 -8.36 -22.17
CA GLN A 218 24.75 -8.68 -22.20
C GLN A 218 25.10 -9.43 -20.92
N ALA A 219 24.47 -9.05 -19.83
CA ALA A 219 24.71 -9.71 -18.55
C ALA A 219 24.28 -11.17 -18.64
N ALA A 220 23.11 -11.41 -19.21
CA ALA A 220 22.63 -12.78 -19.29
C ALA A 220 23.60 -13.61 -20.11
N GLU A 221 24.08 -13.04 -21.20
CA GLU A 221 25.02 -13.73 -22.08
C GLU A 221 26.33 -14.11 -21.42
N VAL A 222 26.95 -13.17 -20.71
CA VAL A 222 28.27 -13.45 -20.09
C VAL A 222 28.29 -14.21 -18.77
N LEU A 223 27.12 -14.53 -18.22
CA LEU A 223 27.05 -15.29 -16.98
C LEU A 223 27.48 -16.73 -17.22
N ALA A 224 28.37 -17.24 -16.38
CA ALA A 224 28.79 -18.63 -16.48
C ALA A 224 27.61 -19.51 -16.01
N PRO A 225 27.64 -20.83 -16.32
CA PRO A 225 26.55 -21.72 -15.91
C PRO A 225 26.30 -21.61 -14.40
N GLY A 226 25.05 -21.47 -14.01
CA GLY A 226 24.74 -21.38 -12.59
C GLY A 226 24.95 -19.99 -11.98
N GLY A 227 25.48 -19.06 -12.78
CA GLY A 227 25.71 -17.72 -12.29
C GLY A 227 24.41 -16.95 -12.08
N ARG A 228 24.45 -15.99 -11.16
CA ARG A 228 23.30 -15.19 -10.80
C ARG A 228 23.39 -13.73 -11.27
N LEU A 229 22.27 -13.21 -11.79
CA LEU A 229 22.13 -11.80 -12.19
C LEU A 229 21.21 -11.21 -11.09
N VAL A 230 21.69 -10.19 -10.40
CA VAL A 230 20.92 -9.57 -9.31
C VAL A 230 20.73 -8.07 -9.55
N VAL A 231 19.49 -7.60 -9.62
CA VAL A 231 19.24 -6.17 -9.89
C VAL A 231 18.27 -5.56 -8.88
N ILE A 232 18.64 -4.38 -8.38
CA ILE A 232 17.82 -3.65 -7.42
C ILE A 232 17.32 -2.43 -8.17
N ALA A 233 16.01 -2.40 -8.39
CA ALA A 233 15.36 -1.30 -9.09
C ALA A 233 14.66 -0.39 -8.09
N PHE A 234 14.58 0.91 -8.40
CA PHE A 234 13.98 1.88 -7.48
C PHE A 234 12.80 2.70 -7.97
N HIS A 235 12.51 2.65 -9.25
CA HIS A 235 11.34 3.38 -9.73
C HIS A 235 10.57 2.46 -10.67
N SER A 236 9.29 2.78 -10.84
CA SER A 236 8.39 1.98 -11.65
C SER A 236 8.84 1.57 -13.04
N LEU A 237 9.32 2.53 -13.80
CA LEU A 237 9.75 2.27 -15.17
C LEU A 237 10.93 1.31 -15.26
N GLU A 238 11.94 1.48 -14.41
CA GLU A 238 13.06 0.58 -14.52
C GLU A 238 12.73 -0.79 -13.95
N ASP A 239 11.96 -0.83 -12.87
CA ASP A 239 11.60 -2.14 -12.29
C ASP A 239 10.78 -2.95 -13.31
N ARG A 240 9.98 -2.29 -14.12
CA ARG A 240 9.17 -3.01 -15.12
C ARG A 240 10.09 -3.56 -16.19
N VAL A 241 11.08 -2.78 -16.60
CA VAL A 241 12.04 -3.26 -17.60
C VAL A 241 12.75 -4.51 -17.04
N VAL A 242 13.20 -4.44 -15.80
CA VAL A 242 13.90 -5.58 -15.21
C VAL A 242 12.94 -6.78 -15.14
N LYS A 243 11.74 -6.56 -14.62
CA LYS A 243 10.79 -7.67 -14.50
C LYS A 243 10.51 -8.34 -15.84
N ARG A 244 10.20 -7.56 -16.87
CA ARG A 244 9.91 -8.14 -18.19
C ARG A 244 11.13 -8.83 -18.77
N PHE A 245 12.29 -8.19 -18.68
CA PHE A 245 13.49 -8.84 -19.22
C PHE A 245 13.73 -10.22 -18.62
N LEU A 246 13.72 -10.29 -17.29
CA LEU A 246 13.97 -11.55 -16.63
C LEU A 246 12.99 -12.65 -17.07
N ARG A 247 11.70 -12.35 -17.10
CA ARG A 247 10.74 -13.39 -17.48
C ARG A 247 10.78 -13.77 -18.96
N GLU A 248 11.24 -12.86 -19.81
CA GLU A 248 11.31 -13.12 -21.25
C GLU A 248 12.67 -13.65 -21.67
N SER A 249 13.63 -13.55 -20.76
CA SER A 249 15.01 -13.93 -21.04
C SER A 249 15.32 -15.40 -21.27
N GLY A 250 14.67 -16.27 -20.51
CA GLY A 250 14.96 -17.68 -20.60
C GLY A 250 15.79 -18.08 -19.39
N LEU A 251 16.25 -17.10 -18.62
CA LEU A 251 17.01 -17.39 -17.41
C LEU A 251 15.99 -17.99 -16.41
N LYS A 252 16.47 -18.63 -15.36
CA LYS A 252 15.58 -19.20 -14.34
C LYS A 252 15.34 -18.06 -13.36
N VAL A 253 14.11 -17.55 -13.30
CA VAL A 253 13.76 -16.45 -12.40
C VAL A 253 13.70 -16.96 -10.96
N LEU A 254 14.55 -16.41 -10.10
CA LEU A 254 14.61 -16.83 -8.70
C LEU A 254 13.63 -16.09 -7.82
N THR A 255 13.25 -14.89 -8.22
CA THR A 255 12.34 -14.07 -7.45
C THR A 255 11.04 -13.76 -8.21
N LYS A 256 10.04 -14.63 -8.08
CA LYS A 256 8.76 -14.42 -8.75
C LYS A 256 8.29 -13.02 -8.34
N LYS A 257 8.42 -12.71 -7.05
CA LYS A 257 8.05 -11.40 -6.55
C LYS A 257 9.34 -10.71 -6.09
N PRO A 258 9.45 -9.39 -6.29
CA PRO A 258 10.66 -8.69 -5.86
C PRO A 258 10.90 -8.79 -4.36
N LEU A 259 12.16 -8.68 -3.96
CA LEU A 259 12.51 -8.72 -2.55
C LEU A 259 12.53 -7.26 -2.17
N VAL A 260 11.97 -6.95 -1.00
CA VAL A 260 11.92 -5.56 -0.55
C VAL A 260 12.54 -5.47 0.84
N PRO A 261 13.07 -4.30 1.20
CA PRO A 261 13.69 -4.09 2.51
C PRO A 261 12.71 -4.14 3.68
N SER A 262 13.20 -4.57 4.84
CA SER A 262 12.37 -4.64 6.04
C SER A 262 12.02 -3.21 6.41
N GLU A 263 10.97 -3.02 7.20
CA GLU A 263 10.58 -1.68 7.59
C GLU A 263 11.72 -1.01 8.35
N LYS A 264 12.52 -1.84 9.02
CA LYS A 264 13.66 -1.34 9.77
C LYS A 264 14.68 -0.73 8.83
N GLU A 265 14.96 -1.41 7.72
CA GLU A 265 15.92 -0.87 6.77
C GLU A 265 15.28 0.35 6.10
N ALA A 266 14.00 0.24 5.76
CA ALA A 266 13.29 1.34 5.14
C ALA A 266 13.33 2.53 6.09
N ALA A 267 13.18 2.24 7.38
CA ALA A 267 13.18 3.28 8.40
C ALA A 267 14.55 3.96 8.48
N GLN A 268 15.60 3.16 8.50
CA GLN A 268 16.96 3.69 8.58
C GLN A 268 17.46 4.41 7.32
N ASN A 269 17.15 3.86 6.14
CA ASN A 269 17.60 4.44 4.88
C ASN A 269 16.41 4.70 3.96
N PRO A 270 15.99 5.95 3.85
CA PRO A 270 14.85 6.33 3.00
C PRO A 270 14.98 5.86 1.54
N ARG A 271 16.16 6.07 0.96
CA ARG A 271 16.41 5.68 -0.42
C ARG A 271 16.01 4.23 -0.63
N ALA A 272 16.16 3.42 0.40
CA ALA A 272 15.84 2.01 0.35
C ALA A 272 14.34 1.67 0.27
N ARG A 273 13.48 2.62 0.61
CA ARG A 273 12.06 2.33 0.63
C ARG A 273 11.47 1.81 -0.69
N SER A 274 11.83 2.40 -1.81
CA SER A 274 11.28 1.96 -3.10
C SER A 274 12.04 0.82 -3.76
N ALA A 275 13.00 0.24 -3.05
CA ALA A 275 13.82 -0.85 -3.59
C ALA A 275 13.09 -2.14 -3.88
N LYS A 276 13.35 -2.68 -5.07
CA LYS A 276 12.79 -3.94 -5.51
C LYS A 276 13.96 -4.77 -6.08
N LEU A 277 14.32 -5.84 -5.38
CA LEU A 277 15.41 -6.69 -5.84
C LEU A 277 14.88 -7.92 -6.57
N ARG A 278 15.40 -8.17 -7.77
CA ARG A 278 15.00 -9.32 -8.56
C ARG A 278 16.28 -10.04 -8.97
N ALA A 279 16.20 -11.35 -9.14
CA ALA A 279 17.38 -12.14 -9.52
C ALA A 279 16.96 -13.32 -10.38
N ALA A 280 17.91 -13.82 -11.17
CA ALA A 280 17.69 -14.96 -12.04
C ALA A 280 19.01 -15.70 -12.18
N GLU A 281 18.92 -16.95 -12.61
CA GLU A 281 20.10 -17.78 -12.77
C GLU A 281 20.28 -18.33 -14.16
N LYS A 282 21.54 -18.41 -14.58
CA LYS A 282 21.93 -18.95 -15.88
C LYS A 282 21.98 -20.47 -15.65
N GLU A 283 21.35 -21.26 -16.49
CA GLU A 283 21.38 -22.69 -16.21
C GLU A 283 22.36 -23.54 -17.00
N ALA A 284 22.25 -24.85 -16.79
CA ALA A 284 23.10 -25.86 -17.41
C ALA A 284 24.41 -25.95 -16.65
N THR B 5 -29.74 -13.03 26.87
CA THR B 5 -29.53 -14.49 26.65
C THR B 5 -29.20 -14.76 25.19
N HIS B 6 -29.33 -13.74 24.35
CA HIS B 6 -29.06 -13.88 22.92
C HIS B 6 -27.70 -14.51 22.62
N VAL B 7 -27.75 -15.74 22.13
CA VAL B 7 -26.56 -16.49 21.76
C VAL B 7 -25.86 -15.73 20.65
N PRO B 8 -24.55 -15.48 20.80
CA PRO B 8 -23.80 -14.76 19.77
C PRO B 8 -23.84 -15.52 18.45
N VAL B 9 -24.23 -14.80 17.40
CA VAL B 9 -24.34 -15.34 16.06
C VAL B 9 -23.23 -16.33 15.69
N LEU B 10 -23.62 -17.52 15.23
CA LEU B 10 -22.67 -18.56 14.81
C LEU B 10 -21.51 -18.79 15.77
N TYR B 11 -21.82 -18.70 17.06
CA TYR B 11 -20.82 -18.87 18.12
C TYR B 11 -19.87 -20.05 17.97
N GLN B 12 -20.40 -21.28 18.03
CA GLN B 12 -19.54 -22.45 17.91
C GLN B 12 -18.74 -22.48 16.63
N GLU B 13 -19.39 -22.17 15.51
CA GLU B 13 -18.73 -22.17 14.22
C GLU B 13 -17.53 -21.21 14.21
N ALA B 14 -17.77 -19.98 14.66
CA ALA B 14 -16.74 -18.95 14.70
C ALA B 14 -15.61 -19.43 15.61
N LEU B 15 -15.95 -19.92 16.81
CA LEU B 15 -14.95 -20.43 17.74
C LEU B 15 -14.12 -21.58 17.20
N ASP B 16 -14.75 -22.47 16.43
CA ASP B 16 -14.05 -23.62 15.86
C ASP B 16 -13.04 -23.18 14.80
N LEU B 17 -13.49 -22.35 13.87
CA LEU B 17 -12.63 -21.87 12.81
C LEU B 17 -11.48 -21.04 13.37
N LEU B 18 -11.68 -20.53 14.58
CA LEU B 18 -10.66 -19.73 15.24
C LEU B 18 -9.58 -20.69 15.77
N ALA B 19 -9.98 -21.94 16.00
CA ALA B 19 -9.10 -22.99 16.50
C ALA B 19 -8.21 -22.52 17.65
N VAL B 20 -8.83 -21.94 18.67
CA VAL B 20 -8.13 -21.41 19.84
C VAL B 20 -7.38 -22.45 20.66
N ARG B 21 -6.13 -22.15 20.98
CA ARG B 21 -5.31 -23.03 21.78
C ARG B 21 -4.88 -22.24 23.01
N PRO B 22 -4.96 -22.86 24.20
CA PRO B 22 -4.59 -22.24 25.47
C PRO B 22 -3.71 -20.99 25.42
N GLY B 23 -2.39 -21.16 25.45
CA GLY B 23 -1.51 -20.01 25.43
C GLY B 23 -1.64 -19.03 24.28
N GLY B 24 -2.66 -19.22 23.44
CA GLY B 24 -2.84 -18.35 22.29
C GLY B 24 -3.44 -16.98 22.55
N VAL B 25 -3.06 -16.00 21.72
CA VAL B 25 -3.56 -14.63 21.83
C VAL B 25 -4.53 -14.34 20.67
N TYR B 26 -5.74 -13.95 21.02
CA TYR B 26 -6.78 -13.68 20.03
C TYR B 26 -7.37 -12.28 20.11
N VAL B 27 -7.71 -11.73 18.95
CA VAL B 27 -8.30 -10.41 18.88
C VAL B 27 -9.77 -10.55 18.54
N ASP B 28 -10.61 -9.92 19.34
CA ASP B 28 -12.04 -9.87 19.09
C ASP B 28 -12.14 -8.37 18.74
N ALA B 29 -12.15 -8.09 17.44
CA ALA B 29 -12.18 -6.71 16.94
C ALA B 29 -13.51 -5.99 17.09
N THR B 30 -14.52 -6.72 17.49
CA THR B 30 -15.86 -6.17 17.67
C THR B 30 -16.42 -6.71 18.98
N LEU B 31 -15.73 -6.41 20.08
CA LEU B 31 -16.06 -6.92 21.41
C LEU B 31 -17.54 -6.96 21.74
N GLY B 32 -18.20 -5.81 21.66
CA GLY B 32 -19.62 -5.82 21.96
C GLY B 32 -19.89 -6.20 23.40
N GLY B 33 -20.70 -7.23 23.60
CA GLY B 33 -21.03 -7.66 24.95
C GLY B 33 -20.08 -8.72 25.45
N ALA B 34 -19.10 -9.07 24.62
CA ALA B 34 -18.08 -10.05 24.96
C ALA B 34 -18.54 -11.51 24.85
N GLY B 35 -19.63 -11.74 24.12
CA GLY B 35 -20.14 -13.10 23.95
C GLY B 35 -19.14 -14.04 23.31
N HIS B 36 -18.60 -13.65 22.16
CA HIS B 36 -17.63 -14.52 21.50
C HIS B 36 -16.34 -14.58 22.34
N ALA B 37 -15.99 -13.47 22.98
CA ALA B 37 -14.79 -13.40 23.77
C ALA B 37 -14.82 -14.39 24.95
N ARG B 38 -15.95 -14.47 25.64
CA ARG B 38 -16.09 -15.43 26.74
C ARG B 38 -15.69 -16.80 26.22
N GLY B 39 -16.18 -17.15 25.03
CA GLY B 39 -15.89 -18.44 24.43
C GLY B 39 -14.42 -18.72 24.18
N ILE B 40 -13.70 -17.70 23.72
CA ILE B 40 -12.28 -17.84 23.47
C ILE B 40 -11.54 -18.06 24.79
N LEU B 41 -11.87 -17.25 25.78
CA LEU B 41 -11.25 -17.35 27.09
C LEU B 41 -11.47 -18.75 27.66
N GLU B 42 -12.71 -19.23 27.59
CA GLU B 42 -13.06 -20.56 28.09
C GLU B 42 -12.13 -21.61 27.51
N ARG B 43 -11.82 -21.48 26.22
CA ARG B 43 -10.94 -22.44 25.56
C ARG B 43 -9.48 -22.17 25.91
N GLY B 44 -9.28 -21.37 26.95
CA GLY B 44 -7.94 -21.08 27.40
C GLY B 44 -7.17 -20.01 26.65
N GLY B 45 -7.84 -19.28 25.76
CA GLY B 45 -7.15 -18.24 25.03
C GLY B 45 -7.19 -16.90 25.71
N ARG B 46 -6.21 -16.04 25.40
CA ARG B 46 -6.23 -14.69 25.97
C ARG B 46 -6.86 -13.81 24.88
N VAL B 47 -7.64 -12.82 25.31
CA VAL B 47 -8.30 -11.97 24.33
C VAL B 47 -8.04 -10.48 24.44
N ILE B 48 -7.77 -9.87 23.29
CA ILE B 48 -7.63 -8.42 23.22
C ILE B 48 -8.89 -8.06 22.44
N GLY B 49 -9.84 -7.44 23.14
CA GLY B 49 -11.09 -7.05 22.51
C GLY B 49 -11.19 -5.56 22.27
N LEU B 50 -11.56 -5.18 21.06
CA LEU B 50 -11.70 -3.78 20.68
C LEU B 50 -13.15 -3.39 20.48
N ASP B 51 -13.48 -2.15 20.82
CA ASP B 51 -14.83 -1.64 20.57
C ASP B 51 -14.79 -0.12 20.60
N GLN B 52 -15.46 0.51 19.63
CA GLN B 52 -15.47 1.96 19.52
C GLN B 52 -16.56 2.59 20.37
N ASP B 53 -17.47 1.77 20.86
CA ASP B 53 -18.60 2.24 21.68
C ASP B 53 -18.16 2.29 23.14
N PRO B 54 -18.14 3.49 23.73
CA PRO B 54 -17.75 3.70 25.14
C PRO B 54 -18.56 2.85 26.12
N GLU B 55 -19.84 2.65 25.80
CA GLU B 55 -20.73 1.84 26.62
C GLU B 55 -20.19 0.41 26.72
N ALA B 56 -20.11 -0.25 25.57
CA ALA B 56 -19.61 -1.61 25.52
C ALA B 56 -18.26 -1.71 26.25
N VAL B 57 -17.36 -0.78 25.96
CA VAL B 57 -16.05 -0.78 26.60
C VAL B 57 -16.17 -0.80 28.13
N ALA B 58 -16.97 0.11 28.68
CA ALA B 58 -17.13 0.21 30.12
C ALA B 58 -17.65 -1.06 30.76
N ARG B 59 -18.70 -1.63 30.18
CA ARG B 59 -19.27 -2.86 30.71
C ARG B 59 -18.37 -4.09 30.59
N ALA B 60 -17.60 -4.20 29.52
CA ALA B 60 -16.73 -5.37 29.39
C ALA B 60 -15.62 -5.29 30.44
N LYS B 61 -15.16 -4.08 30.71
CA LYS B 61 -14.11 -3.87 31.70
C LYS B 61 -14.63 -4.19 33.09
N GLY B 62 -15.91 -3.92 33.32
CA GLY B 62 -16.49 -4.21 34.63
C GLY B 62 -16.54 -5.70 34.91
N LEU B 63 -16.58 -6.50 33.85
CA LEU B 63 -16.65 -7.95 33.98
C LEU B 63 -15.36 -8.58 34.53
N HIS B 64 -14.26 -7.83 34.49
CA HIS B 64 -12.98 -8.34 34.96
C HIS B 64 -12.81 -9.81 34.59
N LEU B 65 -13.01 -10.10 33.31
CA LEU B 65 -12.86 -11.46 32.84
C LEU B 65 -11.37 -11.76 32.71
N PRO B 66 -10.91 -12.84 33.32
CA PRO B 66 -9.49 -13.17 33.23
C PRO B 66 -9.07 -13.29 31.77
N GLY B 67 -7.86 -12.86 31.46
CA GLY B 67 -7.35 -12.96 30.11
C GLY B 67 -7.88 -11.96 29.08
N LEU B 68 -8.74 -11.04 29.49
CA LEU B 68 -9.31 -10.03 28.58
C LEU B 68 -8.78 -8.60 28.73
N THR B 69 -8.13 -8.10 27.70
CA THR B 69 -7.64 -6.73 27.70
C THR B 69 -8.60 -5.96 26.78
N VAL B 70 -9.32 -4.99 27.32
CA VAL B 70 -10.28 -4.22 26.55
C VAL B 70 -9.67 -2.93 26.02
N VAL B 71 -9.90 -2.64 24.75
CA VAL B 71 -9.37 -1.41 24.17
C VAL B 71 -10.48 -0.62 23.47
N GLN B 72 -10.61 0.66 23.82
CA GLN B 72 -11.60 1.54 23.23
C GLN B 72 -10.98 2.09 21.95
N GLY B 73 -11.51 1.69 20.80
CA GLY B 73 -10.97 2.17 19.55
C GLY B 73 -11.66 1.61 18.33
N ASN B 74 -11.19 1.98 17.14
CA ASN B 74 -11.78 1.51 15.88
C ASN B 74 -10.90 0.42 15.28
N PHE B 75 -11.51 -0.67 14.79
CA PHE B 75 -10.65 -1.71 14.23
C PHE B 75 -9.81 -1.32 13.01
N ARG B 76 -10.03 -0.12 12.45
CA ARG B 76 -9.20 0.32 11.32
C ARG B 76 -7.80 0.70 11.82
N HIS B 77 -7.63 0.72 13.15
CA HIS B 77 -6.34 1.02 13.78
C HIS B 77 -5.83 -0.21 14.52
N LEU B 78 -6.20 -1.41 14.02
CA LEU B 78 -5.81 -2.68 14.63
C LEU B 78 -4.33 -2.83 14.94
N LYS B 79 -3.50 -2.70 13.91
CA LYS B 79 -2.07 -2.87 14.07
C LYS B 79 -1.48 -1.87 15.05
N ARG B 80 -1.93 -0.63 14.95
CA ARG B 80 -1.47 0.43 15.84
C ARG B 80 -1.86 0.13 17.29
N HIS B 81 -3.12 -0.19 17.52
CA HIS B 81 -3.56 -0.48 18.88
C HIS B 81 -2.86 -1.72 19.47
N LEU B 82 -2.66 -2.76 18.66
CA LEU B 82 -1.97 -3.96 19.13
C LEU B 82 -0.51 -3.63 19.53
N ALA B 83 0.17 -2.86 18.69
CA ALA B 83 1.56 -2.50 18.94
C ALA B 83 1.66 -1.72 20.25
N ALA B 84 0.63 -0.93 20.55
CA ALA B 84 0.58 -0.12 21.79
C ALA B 84 0.43 -1.01 23.01
N LEU B 85 -0.02 -2.24 22.81
CA LEU B 85 -0.16 -3.21 23.89
C LEU B 85 1.07 -4.13 23.90
N GLY B 86 2.02 -3.85 23.00
CA GLY B 86 3.22 -4.67 22.91
C GLY B 86 3.03 -5.96 22.12
N VAL B 87 2.03 -5.97 21.23
CA VAL B 87 1.72 -7.15 20.42
C VAL B 87 1.92 -6.91 18.92
N GLU B 88 2.71 -7.78 18.28
CA GLU B 88 2.97 -7.62 16.85
C GLU B 88 2.33 -8.72 16.00
N ARG B 89 2.09 -9.87 16.62
CA ARG B 89 1.47 -11.01 15.95
C ARG B 89 0.46 -11.64 16.89
N VAL B 90 -0.61 -12.19 16.31
CA VAL B 90 -1.66 -12.83 17.07
C VAL B 90 -2.04 -14.17 16.42
N ASP B 91 -2.60 -15.06 17.23
CA ASP B 91 -2.97 -16.39 16.78
C ASP B 91 -4.31 -16.49 16.06
N GLY B 92 -5.14 -15.46 16.22
CA GLY B 92 -6.45 -15.48 15.58
C GLY B 92 -7.17 -14.15 15.74
N ILE B 93 -8.01 -13.82 14.77
CA ILE B 93 -8.73 -12.56 14.80
C ILE B 93 -10.17 -12.81 14.42
N LEU B 94 -11.09 -12.27 15.22
CA LEU B 94 -12.51 -12.39 14.93
C LEU B 94 -13.20 -11.04 14.80
N ALA B 95 -14.15 -10.95 13.87
CA ALA B 95 -14.93 -9.73 13.70
C ALA B 95 -16.38 -10.06 13.32
N ASP B 96 -17.30 -9.68 14.21
CA ASP B 96 -18.74 -9.88 14.02
C ASP B 96 -19.25 -8.46 13.71
N LEU B 97 -19.41 -8.14 12.44
CA LEU B 97 -19.81 -6.80 11.96
C LEU B 97 -21.20 -6.30 12.32
N GLY B 98 -21.30 -4.98 12.55
CA GLY B 98 -22.58 -4.39 12.88
C GLY B 98 -22.66 -3.57 14.17
N VAL B 99 -23.87 -3.48 14.70
CA VAL B 99 -24.11 -2.73 15.92
C VAL B 99 -24.53 -3.70 17.02
N SER B 100 -24.25 -3.33 18.27
CA SER B 100 -24.60 -4.17 19.40
C SER B 100 -25.96 -3.75 19.96
N SER B 101 -26.27 -4.25 21.15
CA SER B 101 -27.52 -3.94 21.83
C SER B 101 -27.46 -2.52 22.38
N PHE B 102 -26.30 -2.16 22.94
CA PHE B 102 -26.12 -0.82 23.48
C PHE B 102 -26.42 0.24 22.42
N HIS B 103 -26.44 -0.19 21.16
CA HIS B 103 -26.74 0.69 20.04
C HIS B 103 -28.22 0.67 19.71
N LEU B 104 -28.78 -0.54 19.68
CA LEU B 104 -30.19 -0.74 19.35
C LEU B 104 -31.15 -0.50 20.51
N ASP B 105 -30.82 -1.03 21.67
CA ASP B 105 -31.69 -0.90 22.85
C ASP B 105 -31.87 0.54 23.35
N ASP B 106 -31.12 1.47 22.76
CA ASP B 106 -31.22 2.87 23.15
C ASP B 106 -31.61 3.75 21.96
N PRO B 107 -32.87 4.21 21.93
CA PRO B 107 -33.34 5.06 20.83
C PRO B 107 -32.64 6.42 20.73
N SER B 108 -31.98 6.85 21.80
CA SER B 108 -31.26 8.11 21.78
C SER B 108 -30.19 8.07 20.71
N ARG B 109 -29.72 6.87 20.43
CA ARG B 109 -28.67 6.60 19.44
C ARG B 109 -29.16 6.83 18.02
N GLY B 110 -30.45 6.64 17.81
CA GLY B 110 -31.05 6.84 16.50
C GLY B 110 -30.66 5.88 15.38
N PHE B 111 -30.51 4.61 15.69
CA PHE B 111 -30.16 3.62 14.68
C PHE B 111 -31.38 2.96 14.04
N SER B 112 -32.52 3.04 14.72
CA SER B 112 -33.75 2.42 14.23
C SER B 112 -34.82 3.41 13.79
N TYR B 113 -35.50 3.11 12.69
CA TYR B 113 -36.55 3.99 12.19
C TYR B 113 -37.90 3.81 12.86
N GLN B 114 -38.02 2.81 13.73
CA GLN B 114 -39.27 2.57 14.44
C GLN B 114 -39.30 3.31 15.77
N LYS B 115 -38.16 3.38 16.45
CA LYS B 115 -38.08 4.06 17.75
C LYS B 115 -37.65 5.51 17.57
N GLU B 116 -38.52 6.44 17.95
CA GLU B 116 -38.19 7.85 17.80
C GLU B 116 -36.97 8.24 18.64
N GLY B 117 -36.05 8.96 18.00
CA GLY B 117 -34.85 9.42 18.64
C GLY B 117 -34.12 10.35 17.68
N PRO B 118 -33.11 11.09 18.16
CA PRO B 118 -32.39 11.99 17.25
C PRO B 118 -31.67 11.20 16.16
N LEU B 119 -31.45 11.81 15.00
CA LEU B 119 -30.73 11.11 13.94
C LEU B 119 -29.25 11.22 14.30
N ASP B 120 -28.71 10.13 14.82
CA ASP B 120 -27.31 10.07 15.23
C ASP B 120 -26.62 9.01 14.37
N MET B 121 -26.79 7.75 14.76
CA MET B 121 -26.22 6.61 14.04
C MET B 121 -24.72 6.43 14.22
N ARG B 122 -24.09 7.23 15.07
CA ARG B 122 -22.66 7.07 15.29
C ARG B 122 -22.41 5.91 16.24
N MET B 123 -21.61 4.94 15.82
CA MET B 123 -21.29 3.81 16.68
C MET B 123 -20.37 4.25 17.80
N GLY B 124 -19.62 5.32 17.55
CA GLY B 124 -18.71 5.86 18.56
C GLY B 124 -18.94 7.36 18.66
N LEU B 125 -17.87 8.12 18.72
CA LEU B 125 -17.98 9.57 18.79
C LEU B 125 -17.11 10.23 17.74
N GLU B 126 -16.99 9.60 16.58
CA GLU B 126 -16.17 10.14 15.49
C GLU B 126 -16.97 10.74 14.32
N GLY B 127 -16.87 12.05 14.11
CA GLY B 127 -17.53 12.67 12.97
C GLY B 127 -18.94 13.22 13.14
N PRO B 128 -19.48 13.84 12.10
CA PRO B 128 -20.84 14.41 12.13
C PRO B 128 -21.88 13.30 12.31
N THR B 129 -23.06 13.68 12.80
CA THR B 129 -24.17 12.74 13.01
C THR B 129 -24.96 12.54 11.72
N ALA B 130 -25.84 11.54 11.72
CA ALA B 130 -26.67 11.29 10.54
C ALA B 130 -27.55 12.52 10.33
N LYS B 131 -27.88 13.21 11.41
CA LYS B 131 -28.70 14.41 11.34
C LYS B 131 -28.05 15.46 10.44
N GLU B 132 -26.81 15.81 10.73
CA GLU B 132 -26.12 16.81 9.94
C GLU B 132 -25.97 16.36 8.48
N VAL B 133 -25.77 15.06 8.28
CA VAL B 133 -25.62 14.54 6.91
C VAL B 133 -26.86 14.75 6.04
N VAL B 134 -28.03 14.35 6.54
CA VAL B 134 -29.25 14.50 5.76
C VAL B 134 -29.66 15.97 5.58
N ASN B 135 -29.40 16.80 6.59
CA ASN B 135 -29.75 18.22 6.51
C ASN B 135 -28.73 19.09 5.75
N ARG B 136 -27.57 18.56 5.37
CA ARG B 136 -26.59 19.39 4.67
C ARG B 136 -26.08 18.85 3.35
N LEU B 137 -26.19 17.55 3.10
CA LEU B 137 -25.67 17.04 1.82
C LEU B 137 -26.48 17.54 0.64
N PRO B 138 -25.77 17.96 -0.43
CA PRO B 138 -26.42 18.45 -1.64
C PRO B 138 -27.18 17.29 -2.30
N LEU B 139 -28.13 17.61 -3.16
CA LEU B 139 -28.93 16.60 -3.85
C LEU B 139 -28.11 15.44 -4.40
N GLU B 140 -27.11 15.74 -5.23
CA GLU B 140 -26.30 14.69 -5.81
C GLU B 140 -25.58 13.82 -4.81
N ALA B 141 -24.90 14.44 -3.85
CA ALA B 141 -24.19 13.67 -2.84
C ALA B 141 -25.18 12.78 -2.08
N LEU B 142 -26.32 13.36 -1.71
CA LEU B 142 -27.35 12.62 -0.99
C LEU B 142 -27.84 11.45 -1.83
N ALA B 143 -27.99 11.68 -3.13
CA ALA B 143 -28.44 10.63 -4.07
C ALA B 143 -27.37 9.57 -4.26
N ARG B 144 -26.13 10.02 -4.41
CA ARG B 144 -24.99 9.13 -4.61
C ARG B 144 -24.79 8.24 -3.38
N LEU B 145 -25.11 8.79 -2.21
CA LEU B 145 -24.97 8.06 -0.96
C LEU B 145 -25.98 6.94 -0.87
N LEU B 146 -27.25 7.25 -1.14
CA LEU B 146 -28.32 6.26 -1.05
C LEU B 146 -28.14 5.13 -2.05
N ARG B 147 -27.60 5.46 -3.22
CA ARG B 147 -27.40 4.47 -4.27
C ARG B 147 -26.27 3.50 -4.01
N GLU B 148 -25.06 4.02 -3.85
CA GLU B 148 -23.89 3.17 -3.64
C GLU B 148 -23.78 2.48 -2.28
N LEU B 149 -24.39 3.04 -1.25
CA LEU B 149 -24.31 2.43 0.07
C LEU B 149 -25.59 1.77 0.53
N GLY B 150 -26.72 2.19 -0.03
CA GLY B 150 -27.97 1.59 0.35
C GLY B 150 -28.61 0.73 -0.75
N GLU B 151 -28.05 0.82 -1.95
CA GLU B 151 -28.59 0.09 -3.11
C GLU B 151 -30.10 0.31 -3.14
N GLU B 152 -30.50 1.58 -3.05
CA GLU B 152 -31.91 1.93 -3.06
C GLU B 152 -32.25 2.61 -4.39
N PRO B 153 -32.78 1.82 -5.34
CA PRO B 153 -33.15 2.30 -6.68
C PRO B 153 -33.81 3.68 -6.73
N GLN B 154 -34.69 3.97 -5.79
CA GLN B 154 -35.36 5.27 -5.76
C GLN B 154 -34.54 6.32 -5.02
N ALA B 155 -33.22 6.22 -5.16
CA ALA B 155 -32.28 7.13 -4.50
C ALA B 155 -32.52 8.59 -4.84
N TYR B 156 -32.53 8.90 -6.13
CA TYR B 156 -32.77 10.28 -6.58
C TYR B 156 -34.16 10.76 -6.14
N ARG B 157 -35.10 9.82 -6.01
CA ARG B 157 -36.45 10.14 -5.60
C ARG B 157 -36.47 10.60 -4.14
N ILE B 158 -35.81 9.83 -3.28
CA ILE B 158 -35.78 10.13 -1.84
C ILE B 158 -34.95 11.37 -1.50
N ALA B 159 -33.83 11.56 -2.19
CA ALA B 159 -32.99 12.73 -1.94
C ALA B 159 -33.77 14.03 -2.11
N ARG B 160 -34.58 14.11 -3.17
CA ARG B 160 -35.38 15.30 -3.43
C ARG B 160 -36.34 15.56 -2.29
N ALA B 161 -37.01 14.50 -1.85
CA ALA B 161 -37.97 14.60 -0.75
C ALA B 161 -37.26 15.14 0.50
N ILE B 162 -36.08 14.59 0.78
CA ILE B 162 -35.30 15.02 1.94
C ILE B 162 -34.97 16.49 1.75
N VAL B 163 -34.47 16.84 0.56
CA VAL B 163 -34.13 18.22 0.27
C VAL B 163 -35.36 19.09 0.49
N ALA B 164 -36.50 18.58 0.07
CA ALA B 164 -37.77 19.30 0.19
C ALA B 164 -38.13 19.63 1.64
N ALA B 165 -38.20 18.59 2.46
CA ALA B 165 -38.55 18.74 3.87
C ALA B 165 -37.62 19.65 4.66
N ARG B 166 -36.32 19.42 4.54
CA ARG B 166 -35.37 20.22 5.29
C ARG B 166 -35.47 21.70 4.95
N GLU B 167 -35.80 22.01 3.70
CA GLU B 167 -35.97 23.40 3.28
C GLU B 167 -37.05 24.06 4.13
N LYS B 168 -38.06 23.27 4.49
CA LYS B 168 -39.18 23.73 5.31
C LYS B 168 -38.79 23.75 6.78
N ALA B 169 -38.43 22.58 7.29
CA ALA B 169 -38.03 22.44 8.69
C ALA B 169 -36.89 21.43 8.81
N PRO B 170 -36.01 21.60 9.81
CA PRO B 170 -34.89 20.67 9.99
C PRO B 170 -35.37 19.26 10.36
N ILE B 171 -34.85 18.25 9.68
CA ILE B 171 -35.18 16.84 9.95
C ILE B 171 -34.33 16.46 11.18
N GLU B 172 -34.97 16.31 12.34
CA GLU B 172 -34.24 16.02 13.56
C GLU B 172 -34.27 14.62 14.16
N THR B 173 -35.30 13.85 13.84
CA THR B 173 -35.44 12.51 14.40
C THR B 173 -35.61 11.45 13.35
N THR B 174 -35.41 10.19 13.77
CA THR B 174 -35.52 9.04 12.88
C THR B 174 -36.95 8.81 12.37
N THR B 175 -37.94 9.15 13.18
CA THR B 175 -39.34 8.99 12.74
C THR B 175 -39.60 9.93 11.57
N GLN B 176 -39.24 11.21 11.74
CA GLN B 176 -39.42 12.20 10.68
C GLN B 176 -38.82 11.71 9.37
N LEU B 177 -37.53 11.35 9.40
CA LEU B 177 -36.85 10.85 8.20
C LEU B 177 -37.50 9.59 7.68
N ALA B 178 -37.99 8.77 8.60
CA ALA B 178 -38.64 7.54 8.20
C ALA B 178 -39.90 7.89 7.43
N GLU B 179 -40.70 8.79 7.98
CA GLU B 179 -41.94 9.20 7.32
C GLU B 179 -41.74 10.08 6.10
N ILE B 180 -40.57 10.69 5.96
CA ILE B 180 -40.28 11.52 4.79
C ILE B 180 -39.91 10.59 3.65
N VAL B 181 -39.42 9.40 4.00
CA VAL B 181 -39.04 8.42 2.99
C VAL B 181 -40.28 7.64 2.60
N ARG B 182 -41.21 7.49 3.55
CA ARG B 182 -42.44 6.75 3.32
C ARG B 182 -43.32 7.55 2.38
N LYS B 183 -43.63 8.79 2.78
CA LYS B 183 -44.44 9.69 1.98
C LYS B 183 -43.64 10.12 0.77
N ALA B 184 -42.92 9.17 0.16
CA ALA B 184 -42.11 9.46 -1.01
C ALA B 184 -41.78 8.21 -1.82
N VAL B 185 -41.75 7.06 -1.15
CA VAL B 185 -41.44 5.80 -1.83
C VAL B 185 -42.70 4.98 -2.07
N GLY B 186 -43.77 5.34 -1.36
CA GLY B 186 -45.03 4.64 -1.52
C GLY B 186 -45.15 3.27 -0.88
N PHE B 187 -45.00 2.23 -1.70
CA PHE B 187 -45.10 0.85 -1.21
C PHE B 187 -43.89 -0.01 -1.57
N ARG B 188 -43.45 -0.82 -0.61
CA ARG B 188 -42.30 -1.70 -0.80
C ARG B 188 -42.68 -3.16 -0.59
N ARG B 189 -41.73 -4.06 -0.79
CA ARG B 189 -41.99 -5.49 -0.63
C ARG B 189 -40.98 -6.21 0.27
N ALA B 190 -39.81 -6.52 -0.28
CA ALA B 190 -38.76 -7.23 0.44
C ALA B 190 -38.54 -6.77 1.90
N GLY B 191 -38.98 -5.56 2.22
CA GLY B 191 -38.82 -5.06 3.57
C GLY B 191 -39.39 -3.67 3.80
N HIS B 192 -39.04 -3.07 4.93
CA HIS B 192 -39.51 -1.74 5.29
C HIS B 192 -39.06 -0.70 4.26
N PRO B 193 -39.56 0.53 4.38
CA PRO B 193 -39.20 1.60 3.45
C PRO B 193 -37.85 2.25 3.76
N ALA B 194 -37.85 3.11 4.78
CA ALA B 194 -36.65 3.82 5.22
C ALA B 194 -35.49 2.88 5.59
N ARG B 195 -35.72 1.59 5.43
CA ARG B 195 -34.71 0.58 5.74
C ARG B 195 -33.37 0.81 5.05
N LYS B 196 -33.35 0.61 3.73
CA LYS B 196 -32.13 0.77 2.94
C LYS B 196 -31.47 2.14 3.12
N THR B 197 -32.27 3.17 3.31
CA THR B 197 -31.76 4.52 3.50
C THR B 197 -31.04 4.60 4.84
N PHE B 198 -31.61 3.98 5.86
CA PHE B 198 -30.98 3.99 7.17
C PHE B 198 -29.66 3.22 7.14
N GLN B 199 -29.61 2.14 6.36
CA GLN B 199 -28.39 1.35 6.23
C GLN B 199 -27.29 2.15 5.53
N ALA B 200 -27.68 2.89 4.50
CA ALA B 200 -26.75 3.72 3.73
C ALA B 200 -26.11 4.74 4.67
N LEU B 201 -26.95 5.39 5.46
CA LEU B 201 -26.50 6.40 6.40
C LEU B 201 -25.59 5.85 7.48
N ARG B 202 -25.86 4.63 7.97
CA ARG B 202 -25.04 4.03 9.01
C ARG B 202 -23.64 3.79 8.48
N ILE B 203 -23.57 3.18 7.31
CA ILE B 203 -22.30 2.90 6.65
C ILE B 203 -21.51 4.18 6.41
N TYR B 204 -22.22 5.21 5.93
CA TYR B 204 -21.62 6.52 5.62
C TYR B 204 -21.13 7.21 6.89
N VAL B 205 -22.01 7.36 7.87
CA VAL B 205 -21.64 8.02 9.11
C VAL B 205 -20.47 7.35 9.83
N ASN B 206 -20.35 6.03 9.68
CA ASN B 206 -19.27 5.28 10.33
C ASN B 206 -18.15 4.86 9.39
N ASP B 207 -18.22 5.30 8.14
CA ASP B 207 -17.20 4.96 7.14
C ASP B 207 -16.86 3.47 7.21
N GLU B 208 -17.91 2.67 7.38
CA GLU B 208 -17.80 1.21 7.49
C GLU B 208 -16.98 0.44 6.46
N LEU B 209 -17.17 0.69 5.17
CA LEU B 209 -16.43 -0.07 4.17
C LEU B 209 -14.94 0.17 4.19
N ASN B 210 -14.51 1.43 4.25
CA ASN B 210 -13.09 1.70 4.29
C ASN B 210 -12.49 1.18 5.60
N ALA B 211 -13.20 1.34 6.71
CA ALA B 211 -12.66 0.86 7.99
C ALA B 211 -12.45 -0.65 7.89
N LEU B 212 -13.45 -1.35 7.36
CA LEU B 212 -13.37 -2.78 7.18
C LEU B 212 -12.19 -3.18 6.25
N LYS B 213 -12.03 -2.49 5.14
CA LYS B 213 -10.94 -2.84 4.24
C LYS B 213 -9.58 -2.66 4.92
N GLU B 214 -9.45 -1.61 5.72
CA GLU B 214 -8.18 -1.34 6.40
C GLU B 214 -7.92 -2.40 7.47
N PHE B 215 -8.97 -2.69 8.22
CA PHE B 215 -8.87 -3.68 9.25
C PHE B 215 -8.43 -5.02 8.65
N LEU B 216 -9.00 -5.41 7.51
CA LEU B 216 -8.70 -6.70 6.88
C LEU B 216 -7.25 -6.82 6.45
N GLU B 217 -6.75 -5.77 5.80
CA GLU B 217 -5.38 -5.77 5.34
C GLU B 217 -4.46 -5.93 6.56
N GLN B 218 -4.79 -5.23 7.65
CA GLN B 218 -3.97 -5.30 8.86
C GLN B 218 -4.07 -6.63 9.57
N ALA B 219 -5.26 -7.22 9.59
CA ALA B 219 -5.44 -8.51 10.25
C ALA B 219 -4.61 -9.57 9.53
N ALA B 220 -4.64 -9.57 8.21
CA ALA B 220 -3.87 -10.56 7.46
C ALA B 220 -2.39 -10.34 7.76
N GLU B 221 -2.02 -9.10 8.01
CA GLU B 221 -0.64 -8.76 8.30
C GLU B 221 -0.13 -9.26 9.62
N VAL B 222 -0.91 -9.04 10.68
CA VAL B 222 -0.48 -9.44 12.02
C VAL B 222 -0.76 -10.89 12.39
N LEU B 223 -1.42 -11.64 11.51
CA LEU B 223 -1.70 -13.05 11.82
C LEU B 223 -0.42 -13.87 11.84
N ALA B 224 -0.26 -14.73 12.84
CA ALA B 224 0.91 -15.60 12.91
C ALA B 224 0.64 -16.76 11.96
N PRO B 225 1.69 -17.48 11.55
CA PRO B 225 1.49 -18.61 10.63
C PRO B 225 0.46 -19.60 11.18
N GLY B 226 -0.49 -20.01 10.35
CA GLY B 226 -1.50 -20.96 10.79
C GLY B 226 -2.64 -20.31 11.56
N GLY B 227 -2.63 -18.99 11.64
CA GLY B 227 -3.67 -18.27 12.35
C GLY B 227 -4.88 -18.05 11.46
N ARG B 228 -6.06 -18.04 12.08
CA ARG B 228 -7.31 -17.87 11.36
C ARG B 228 -7.93 -16.47 11.47
N LEU B 229 -8.47 -16.00 10.34
CA LEU B 229 -9.16 -14.73 10.29
C LEU B 229 -10.62 -15.17 10.13
N VAL B 230 -11.46 -14.76 11.07
CA VAL B 230 -12.88 -15.14 11.04
C VAL B 230 -13.73 -13.89 11.04
N VAL B 231 -14.54 -13.72 10.00
CA VAL B 231 -15.40 -12.53 9.86
C VAL B 231 -16.85 -12.90 9.58
N ILE B 232 -17.78 -12.22 10.23
CA ILE B 232 -19.21 -12.45 10.01
C ILE B 232 -19.81 -11.16 9.46
N ALA B 233 -20.21 -11.17 8.19
CA ALA B 233 -20.80 -10.00 7.57
C ALA B 233 -22.31 -10.14 7.53
N PHE B 234 -23.00 -9.03 7.42
CA PHE B 234 -24.46 -9.05 7.40
C PHE B 234 -25.09 -8.35 6.20
N HIS B 235 -24.54 -7.23 5.75
CA HIS B 235 -25.12 -6.61 4.57
C HIS B 235 -24.28 -6.94 3.34
N SER B 236 -24.96 -6.99 2.19
CA SER B 236 -24.35 -7.33 0.91
C SER B 236 -23.06 -6.59 0.59
N LEU B 237 -23.06 -5.30 0.83
CA LEU B 237 -21.87 -4.50 0.56
C LEU B 237 -20.63 -5.00 1.31
N GLU B 238 -20.73 -5.14 2.63
CA GLU B 238 -19.58 -5.59 3.42
C GLU B 238 -19.22 -7.06 3.16
N ASP B 239 -20.22 -7.89 2.89
CA ASP B 239 -19.90 -9.29 2.63
C ASP B 239 -19.04 -9.40 1.38
N ARG B 240 -19.41 -8.63 0.35
CA ARG B 240 -18.63 -8.67 -0.88
C ARG B 240 -17.21 -8.20 -0.57
N VAL B 241 -17.06 -7.17 0.26
CA VAL B 241 -15.74 -6.68 0.62
C VAL B 241 -14.94 -7.82 1.23
N VAL B 242 -15.50 -8.49 2.23
CA VAL B 242 -14.80 -9.60 2.87
C VAL B 242 -14.48 -10.69 1.84
N LYS B 243 -15.50 -11.16 1.11
CA LYS B 243 -15.28 -12.19 0.10
C LYS B 243 -14.13 -11.83 -0.85
N ARG B 244 -14.20 -10.63 -1.43
CA ARG B 244 -13.16 -10.20 -2.35
C ARG B 244 -11.80 -10.15 -1.67
N PHE B 245 -11.75 -9.63 -0.45
CA PHE B 245 -10.49 -9.54 0.28
C PHE B 245 -9.88 -10.91 0.52
N LEU B 246 -10.68 -11.84 1.05
CA LEU B 246 -10.15 -13.17 1.32
C LEU B 246 -9.56 -13.80 0.06
N ARG B 247 -10.26 -13.61 -1.06
CA ARG B 247 -9.80 -14.17 -2.33
C ARG B 247 -8.38 -13.74 -2.66
N GLU B 248 -8.23 -12.46 -2.98
CA GLU B 248 -6.94 -11.91 -3.36
C GLU B 248 -6.01 -11.53 -2.20
N SER B 249 -6.22 -12.11 -1.03
CA SER B 249 -5.37 -11.77 0.10
C SER B 249 -4.13 -12.64 0.20
N GLY B 250 -4.22 -13.86 -0.32
CA GLY B 250 -3.09 -14.74 -0.23
C GLY B 250 -3.28 -15.67 0.95
N LEU B 251 -4.38 -15.45 1.67
CA LEU B 251 -4.70 -16.30 2.81
C LEU B 251 -5.37 -17.55 2.23
N LYS B 252 -5.24 -18.66 2.94
CA LYS B 252 -5.86 -19.90 2.50
C LYS B 252 -7.33 -19.87 2.93
N VAL B 253 -8.23 -19.60 1.97
CA VAL B 253 -9.66 -19.54 2.25
C VAL B 253 -10.19 -20.87 2.78
N LEU B 254 -10.87 -20.83 3.92
CA LEU B 254 -11.40 -22.05 4.51
C LEU B 254 -12.91 -22.19 4.28
N THR B 255 -13.51 -21.19 3.64
CA THR B 255 -14.94 -21.23 3.39
C THR B 255 -15.24 -20.78 1.97
N LYS B 256 -15.22 -21.72 1.03
CA LYS B 256 -15.51 -21.38 -0.37
C LYS B 256 -16.91 -20.79 -0.40
N LYS B 257 -17.74 -21.26 0.51
CA LYS B 257 -19.09 -20.75 0.65
C LYS B 257 -19.25 -20.38 2.12
N PRO B 258 -19.88 -19.23 2.38
CA PRO B 258 -20.09 -18.75 3.76
C PRO B 258 -20.99 -19.64 4.60
N LEU B 259 -20.72 -19.71 5.90
CA LEU B 259 -21.59 -20.47 6.79
C LEU B 259 -22.74 -19.51 7.07
N VAL B 260 -23.94 -20.04 7.25
CA VAL B 260 -25.11 -19.22 7.51
C VAL B 260 -25.89 -19.85 8.65
N PRO B 261 -26.77 -19.08 9.31
CA PRO B 261 -27.55 -19.64 10.40
C PRO B 261 -28.64 -20.56 9.84
N SER B 262 -29.39 -21.23 10.71
CA SER B 262 -30.46 -22.10 10.26
C SER B 262 -31.62 -21.23 9.78
N GLU B 263 -32.52 -21.82 9.01
CA GLU B 263 -33.67 -21.09 8.50
C GLU B 263 -34.46 -20.57 9.70
N LYS B 264 -34.60 -21.43 10.71
CA LYS B 264 -35.33 -21.07 11.92
C LYS B 264 -34.65 -19.92 12.66
N GLU B 265 -33.35 -20.07 12.91
CA GLU B 265 -32.58 -19.03 13.62
C GLU B 265 -32.77 -17.68 12.95
N ALA B 266 -32.78 -17.67 11.62
CA ALA B 266 -32.96 -16.45 10.85
C ALA B 266 -34.22 -15.72 11.34
N ALA B 267 -35.31 -16.48 11.45
CA ALA B 267 -36.58 -15.93 11.91
C ALA B 267 -36.53 -15.69 13.41
N GLN B 268 -35.80 -16.54 14.13
CA GLN B 268 -35.66 -16.42 15.57
C GLN B 268 -34.97 -15.13 16.03
N ASN B 269 -33.67 -15.05 15.76
CA ASN B 269 -32.87 -13.88 16.13
C ASN B 269 -32.70 -12.96 14.92
N PRO B 270 -33.50 -11.88 14.84
CA PRO B 270 -33.43 -10.91 13.73
C PRO B 270 -32.05 -10.27 13.59
N ARG B 271 -31.24 -10.33 14.64
CA ARG B 271 -29.90 -9.75 14.60
C ARG B 271 -28.85 -10.79 14.23
N ALA B 272 -29.33 -11.98 13.85
CA ALA B 272 -28.47 -13.07 13.45
C ALA B 272 -28.84 -13.42 12.01
N ARG B 273 -30.05 -13.06 11.62
CA ARG B 273 -30.50 -13.33 10.26
C ARG B 273 -29.61 -12.59 9.28
N SER B 274 -29.35 -13.22 8.14
CA SER B 274 -28.50 -12.65 7.10
C SER B 274 -27.01 -12.80 7.36
N ALA B 275 -26.63 -13.23 8.56
CA ALA B 275 -25.23 -13.41 8.89
C ALA B 275 -24.57 -14.30 7.84
N LYS B 276 -23.32 -14.01 7.52
CA LYS B 276 -22.56 -14.78 6.56
C LYS B 276 -21.11 -14.87 7.04
N LEU B 277 -20.74 -16.04 7.58
CA LEU B 277 -19.41 -16.27 8.11
C LEU B 277 -18.39 -16.85 7.14
N ARG B 278 -17.25 -16.17 7.04
CA ARG B 278 -16.15 -16.61 6.18
C ARG B 278 -14.90 -16.66 7.04
N ALA B 279 -13.97 -17.51 6.66
CA ALA B 279 -12.71 -17.64 7.37
C ALA B 279 -11.58 -18.00 6.42
N ALA B 280 -10.39 -17.55 6.78
CA ALA B 280 -9.20 -17.82 5.99
C ALA B 280 -8.09 -18.10 6.97
N GLU B 281 -7.04 -18.75 6.50
CA GLU B 281 -5.92 -19.08 7.35
C GLU B 281 -4.62 -18.57 6.78
N LYS B 282 -3.73 -18.10 7.66
CA LYS B 282 -2.45 -17.59 7.17
C LYS B 282 -1.51 -18.77 6.99
N GLU B 283 -0.74 -18.75 5.91
CA GLU B 283 0.20 -19.83 5.64
C GLU B 283 1.64 -19.45 5.92
N ALA B 284 2.52 -20.44 5.81
CA ALA B 284 3.96 -20.30 6.03
C ALA B 284 4.50 -21.64 6.50
#